data_3NNB
#
_entry.id   3NNB
#
_cell.length_a   54.577
_cell.length_b   80.166
_cell.length_c   103.376
_cell.angle_alpha   90.000
_cell.angle_beta   90.000
_cell.angle_gamma   90.000
#
_symmetry.space_group_name_H-M   'P 21 21 21'
#
loop_
_entity.id
_entity.type
_entity.pdbx_description
1 polymer 'alginate lyase'
2 non-polymer 'SODIUM ION'
3 non-polymer 'CITRIC ACID'
4 non-polymer GLYCEROL
5 water water
#
_entity_poly.entity_id   1
_entity_poly.type   'polypeptide(L)'
_entity_poly.pdbx_seq_one_letter_code
;GQVANTRIYAAEKLAKVKEKADSPLYAPAVKTLLRDADKALK(MSE)TPPSV(MSE)DKT(MSE)TADSGDKHDY(MSE)
S(MSE)GPYWWPDPSKPDGLPYIRKDGQRNPELDKLDRNKLGD(MSE)SKAVTTLGLAYYFSGDEKYAQKAVDFLNVWFL
DAKTK(MSE)NPHLTYGQTIPGKNKG(MSE)GRGAG(MSE)IDIYSFTE(MSE)IDA(MSE)TL(MSE)ENSKAFTPKVK
KG(MSE)KEWFTQLVEW(MSE)QTSPVAAEEQRAKNNHGLAYDVQLTAYALYTGNQDLA(MSE)KTIQEFPEKRLFAQIE
PDGKQPLELARTTALGYTIFNLGH(MSE)LD(MSE)CSIASTLGQDIYNATSQDGRSITAALKFLIPYIGKPQSEWPYQQ
IKEWDKKQEEACWILRRASFFDPKAGYEAIGAQFRETPANKRIHLIYSLE
;
_entity_poly.pdbx_strand_id   A
#
loop_
_chem_comp.id
_chem_comp.type
_chem_comp.name
_chem_comp.formula
CIT non-polymer 'CITRIC ACID' 'C6 H8 O7'
GOL non-polymer GLYCEROL 'C3 H8 O3'
NA non-polymer 'SODIUM ION' 'Na 1'
#
# COMPACT_ATOMS: atom_id res chain seq x y z
C GLN A 2 19.57 -4.98 -13.48
N VAL A 3 18.65 -5.86 -13.83
CA VAL A 3 17.21 -5.64 -13.52
C VAL A 3 16.81 -6.39 -12.24
N ALA A 4 16.22 -5.68 -11.26
CA ALA A 4 15.92 -6.30 -9.95
C ALA A 4 14.60 -7.07 -9.99
N ASN A 5 14.43 -8.03 -9.10
CA ASN A 5 13.18 -8.78 -9.06
C ASN A 5 12.05 -8.06 -8.29
N THR A 6 11.66 -6.88 -8.76
CA THR A 6 10.57 -6.12 -8.15
C THR A 6 9.21 -6.54 -8.72
N ARG A 7 8.18 -6.42 -7.88
CA ARG A 7 6.84 -6.86 -8.25
C ARG A 7 5.86 -5.72 -8.42
N ILE A 8 5.91 -4.75 -7.52
CA ILE A 8 5.09 -3.55 -7.58
C ILE A 8 5.73 -2.53 -8.53
N TYR A 9 7.03 -2.31 -8.35
CA TYR A 9 7.78 -1.40 -9.25
C TYR A 9 8.08 -2.18 -10.54
N ALA A 10 8.00 -1.50 -11.68
CA ALA A 10 8.36 -2.05 -12.99
C ALA A 10 9.89 -2.11 -13.06
N ALA A 11 10.45 -3.30 -12.96
CA ALA A 11 11.89 -3.45 -12.76
C ALA A 11 12.74 -2.89 -13.94
N GLU A 12 12.38 -3.20 -15.19
CA GLU A 12 13.23 -2.70 -16.28
C GLU A 12 13.22 -1.18 -16.37
N LYS A 13 12.05 -0.57 -16.23
CA LYS A 13 11.96 0.90 -16.18
C LYS A 13 12.87 1.46 -15.09
N LEU A 14 12.78 0.88 -13.89
CA LEU A 14 13.53 1.41 -12.73
C LEU A 14 15.03 1.34 -13.02
N ALA A 15 15.47 0.23 -13.62
CA ALA A 15 16.88 0.05 -13.95
C ALA A 15 17.34 1.11 -14.92
N LYS A 16 16.48 1.50 -15.86
CA LYS A 16 16.85 2.55 -16.80
C LYS A 16 16.90 3.91 -16.15
N VAL A 17 15.96 4.19 -15.25
CA VAL A 17 16.00 5.44 -14.52
C VAL A 17 17.29 5.51 -13.69
N LYS A 18 17.69 4.38 -13.09
CA LYS A 18 18.93 4.34 -12.31
C LYS A 18 20.15 4.64 -13.21
N GLU A 19 20.20 4.02 -14.40
CA GLU A 19 21.34 4.32 -15.31
C GLU A 19 21.39 5.82 -15.60
N LYS A 20 20.20 6.42 -15.78
CA LYS A 20 20.04 7.80 -16.18
C LYS A 20 19.80 8.74 -14.97
N ALA A 21 20.21 8.33 -13.77
CA ALA A 21 19.94 9.09 -12.52
C ALA A 21 20.46 10.53 -12.58
N ASP A 22 21.60 10.72 -13.23
CA ASP A 22 22.20 12.04 -13.34
C ASP A 22 21.74 12.86 -14.56
N SER A 23 20.85 12.32 -15.39
CA SER A 23 20.29 13.04 -16.54
C SER A 23 19.38 14.16 -16.08
N PRO A 24 19.12 15.14 -16.97
CA PRO A 24 18.29 16.27 -16.54
C PRO A 24 16.89 15.86 -16.19
N LEU A 25 16.42 14.78 -16.78
CA LEU A 25 15.09 14.32 -16.51
CA LEU A 25 15.10 14.23 -16.54
C LEU A 25 14.93 13.82 -15.07
N TYR A 26 15.98 13.20 -14.51
CA TYR A 26 15.87 12.49 -13.20
C TYR A 26 16.66 13.12 -12.06
N ALA A 27 17.68 13.90 -12.39
CA ALA A 27 18.53 14.42 -11.36
C ALA A 27 17.83 15.17 -10.22
N PRO A 28 16.85 16.05 -10.53
CA PRO A 28 16.12 16.75 -9.44
C PRO A 28 15.42 15.80 -8.45
N ALA A 29 14.79 14.78 -8.99
CA ALA A 29 14.10 13.78 -8.16
C ALA A 29 15.08 12.92 -7.39
N VAL A 30 16.20 12.56 -7.99
CA VAL A 30 17.21 11.76 -7.25
C VAL A 30 17.76 12.60 -6.10
N LYS A 31 18.01 13.88 -6.34
CA LYS A 31 18.53 14.75 -5.31
C LYS A 31 17.57 14.84 -4.12
N THR A 32 16.28 15.02 -4.41
CA THR A 32 15.25 15.06 -3.36
C THR A 32 15.15 13.71 -2.62
N LEU A 33 15.27 12.62 -3.36
CA LEU A 33 15.28 11.28 -2.74
C LEU A 33 16.44 11.14 -1.76
N LEU A 34 17.64 11.54 -2.17
CA LEU A 34 18.77 11.46 -1.24
C LEU A 34 18.63 12.37 -0.05
N ARG A 35 18.02 13.53 -0.23
CA ARG A 35 17.66 14.40 0.90
C ARG A 35 16.68 13.73 1.84
N ASP A 36 15.63 13.09 1.31
CA ASP A 36 14.69 12.36 2.14
C ASP A 36 15.45 11.24 2.91
N ALA A 37 16.38 10.56 2.25
CA ALA A 37 17.12 9.48 2.91
C ALA A 37 18.00 10.05 4.00
N ASP A 38 18.63 11.21 3.74
CA ASP A 38 19.44 11.87 4.78
C ASP A 38 18.58 12.23 5.98
N LYS A 39 17.32 12.60 5.76
CA LYS A 39 16.41 12.88 6.87
C LYS A 39 16.08 11.58 7.63
N ALA A 40 15.92 10.47 6.89
CA ALA A 40 15.65 9.19 7.51
C ALA A 40 16.82 8.73 8.37
N LEU A 41 18.06 9.11 7.97
CA LEU A 41 19.24 8.76 8.80
C LEU A 41 19.16 9.34 10.21
N LYS A 42 18.48 10.47 10.35
CA LYS A 42 18.33 11.15 11.63
C LYS A 42 17.27 10.53 12.52
N MSE A 43 16.40 9.70 11.94
CA MSE A 43 15.24 9.17 12.67
CA MSE A 43 15.23 9.18 12.69
C MSE A 43 15.62 8.01 13.58
O MSE A 43 16.35 7.11 13.16
CB MSE A 43 14.18 8.69 11.67
CB MSE A 43 14.11 8.77 11.72
CG MSE A 43 13.57 9.80 10.87
CG MSE A 43 12.87 8.20 12.45
SE MSE A 43 12.45 9.06 9.47
SE MSE A 43 11.48 7.59 11.23
CE MSE A 43 11.35 7.96 10.57
CE MSE A 43 10.71 9.30 10.75
N THR A 44 15.13 8.02 14.82
CA THR A 44 15.32 6.87 15.71
C THR A 44 14.30 5.81 15.28
N PRO A 45 14.78 4.58 14.97
CA PRO A 45 13.81 3.55 14.56
C PRO A 45 12.76 3.30 15.65
N PRO A 46 11.47 3.43 15.30
CA PRO A 46 10.41 3.13 16.27
C PRO A 46 10.13 1.63 16.37
N SER A 47 9.21 1.26 17.25
CA SER A 47 8.75 -0.11 17.40
C SER A 47 7.38 -0.14 18.03
N VAL A 48 6.77 -1.33 17.99
CA VAL A 48 5.51 -1.55 18.67
C VAL A 48 5.63 -1.42 20.23
N MSE A 49 6.82 -1.32 20.76
CA MSE A 49 7.01 -1.08 22.19
C MSE A 49 6.81 0.35 22.59
O MSE A 49 6.73 0.67 23.81
CB MSE A 49 8.38 -1.58 22.64
CG MSE A 49 8.71 -2.99 22.18
SE MSE A 49 7.39 -4.37 22.61
CE MSE A 49 7.97 -4.62 24.48
N ASP A 50 6.67 1.25 21.63
CA ASP A 50 6.61 2.67 21.97
C ASP A 50 5.23 3.11 22.46
N LYS A 51 4.18 2.42 22.02
CA LYS A 51 2.83 2.79 22.42
C LYS A 51 2.68 2.70 23.95
N THR A 52 1.80 3.49 24.53
CA THR A 52 1.59 3.35 25.97
C THR A 52 0.64 2.21 26.32
N MSE A 53 -0.33 1.95 25.44
CA MSE A 53 -1.31 0.91 25.70
C MSE A 53 -0.78 -0.43 25.22
O MSE A 53 0.15 -0.48 24.43
CB MSE A 53 -2.63 1.17 24.97
CG MSE A 53 -3.39 2.36 25.47
SE MSE A 53 -5.14 2.42 24.64
CE MSE A 53 -5.90 0.79 25.42
N THR A 54 -1.38 -1.50 25.71
CA THR A 54 -1.11 -2.87 25.26
C THR A 54 -2.42 -3.49 24.84
N ALA A 55 -2.39 -4.28 23.77
CA ALA A 55 -3.58 -4.99 23.32
C ALA A 55 -4.07 -5.97 24.40
N ASP A 56 -5.28 -6.43 24.22
CA ASP A 56 -5.92 -7.37 25.18
C ASP A 56 -5.30 -8.79 25.20
N SER A 57 -4.26 -9.03 24.39
CA SER A 57 -3.43 -10.18 24.57
C SER A 57 -2.48 -10.04 25.75
N GLY A 58 -2.25 -8.81 26.19
CA GLY A 58 -1.31 -8.50 27.24
C GLY A 58 0.14 -8.48 26.76
N ASP A 59 0.35 -8.63 25.45
CA ASP A 59 1.69 -8.67 24.86
C ASP A 59 1.89 -7.42 24.02
N LYS A 60 2.80 -6.56 24.47
CA LYS A 60 3.11 -5.29 23.81
CA LYS A 60 3.02 -5.30 23.78
C LYS A 60 3.66 -5.53 22.41
N HIS A 61 4.21 -6.71 22.17
CA HIS A 61 4.77 -7.05 20.86
C HIS A 61 3.67 -7.29 19.81
N ASP A 62 2.42 -7.43 20.24
CA ASP A 62 1.32 -7.44 19.32
C ASP A 62 1.00 -6.03 18.81
N TYR A 63 0.95 -5.93 17.48
CA TYR A 63 0.51 -4.72 16.81
C TYR A 63 -0.89 -4.34 17.25
N MSE A 64 -1.08 -3.07 17.53
CA MSE A 64 -2.39 -2.54 17.91
C MSE A 64 -2.58 -1.23 17.23
O MSE A 64 -1.72 -0.34 17.33
CB MSE A 64 -2.49 -2.37 19.44
CG MSE A 64 -3.91 -2.01 19.89
SE MSE A 64 -3.92 -1.61 21.78
CE MSE A 64 -5.80 -1.03 21.90
N SER A 65 -3.72 -1.09 16.58
CA SER A 65 -4.11 0.22 16.04
C SER A 65 -5.60 0.44 16.29
N MSE A 66 -6.05 1.66 16.01
CA MSE A 66 -7.46 2.06 16.16
C MSE A 66 -8.08 2.34 14.80
O MSE A 66 -7.44 2.94 13.92
CB MSE A 66 -7.53 3.37 16.97
CG MSE A 66 -8.95 3.74 17.38
SE MSE A 66 -8.95 5.54 18.18
CE MSE A 66 -9.22 6.48 16.58
N GLY A 67 -9.34 1.95 14.62
CA GLY A 67 -10.06 2.29 13.39
C GLY A 67 -10.02 3.81 13.20
N PRO A 68 -9.45 4.30 12.08
CA PRO A 68 -9.17 5.74 12.01
C PRO A 68 -10.38 6.65 12.03
N TYR A 69 -11.54 6.16 11.56
CA TYR A 69 -12.73 7.01 11.46
C TYR A 69 -13.66 6.93 12.67
N TRP A 70 -13.15 6.36 13.77
CA TRP A 70 -13.98 6.12 14.96
C TRP A 70 -13.59 7.11 16.05
N TRP A 71 -14.62 7.75 16.61
CA TRP A 71 -14.50 8.87 17.54
C TRP A 71 -15.36 8.68 18.77
N PRO A 72 -14.96 9.31 19.89
CA PRO A 72 -15.83 9.31 21.07
C PRO A 72 -17.21 9.90 20.77
N ASP A 73 -18.26 9.27 21.32
CA ASP A 73 -19.64 9.68 21.12
C ASP A 73 -19.94 10.70 22.21
N PRO A 74 -20.11 12.00 21.86
CA PRO A 74 -20.33 13.00 22.91
C PRO A 74 -21.62 12.80 23.73
N SER A 75 -22.54 12.02 23.20
CA SER A 75 -23.81 11.73 23.93
C SER A 75 -23.64 10.66 25.03
N LYS A 76 -22.46 10.02 25.12
CA LYS A 76 -22.24 8.96 26.09
C LYS A 76 -21.29 9.41 27.16
N PRO A 77 -21.50 8.97 28.42
CA PRO A 77 -20.74 9.49 29.58
C PRO A 77 -19.20 9.47 29.44
N ASP A 78 -18.68 8.37 28.88
CA ASP A 78 -17.27 8.15 28.68
CA ASP A 78 -17.24 8.20 28.67
C ASP A 78 -16.91 8.14 27.19
N GLY A 79 -17.81 8.63 26.34
CA GLY A 79 -17.61 8.62 24.89
C GLY A 79 -17.78 7.25 24.25
N LEU A 80 -18.23 6.26 25.02
CA LEU A 80 -18.24 4.87 24.55
C LEU A 80 -19.62 4.31 24.33
N PRO A 81 -19.81 3.50 23.29
CA PRO A 81 -18.79 3.08 22.32
C PRO A 81 -18.55 4.20 21.32
N TYR A 82 -17.37 4.18 20.71
CA TYR A 82 -17.10 5.11 19.62
C TYR A 82 -18.08 4.97 18.47
N ILE A 83 -18.16 6.05 17.71
CA ILE A 83 -19.03 6.15 16.56
C ILE A 83 -18.20 6.54 15.34
N ARG A 84 -18.73 6.23 14.16
CA ARG A 84 -18.00 6.43 12.93
C ARG A 84 -18.30 7.76 12.26
N LYS A 85 -17.24 8.44 11.83
CA LYS A 85 -17.32 9.66 11.03
C LYS A 85 -16.49 9.42 9.75
N ASP A 86 -17.14 8.84 8.74
CA ASP A 86 -16.42 8.39 7.53
C ASP A 86 -15.60 9.54 6.97
N GLY A 87 -14.30 9.27 6.76
CA GLY A 87 -13.39 10.21 6.14
C GLY A 87 -12.70 11.18 7.06
N GLN A 88 -13.06 11.17 8.34
CA GLN A 88 -12.47 12.07 9.34
C GLN A 88 -11.63 11.26 10.31
N ARG A 89 -10.31 11.47 10.26
CA ARG A 89 -9.35 10.67 11.01
CA ARG A 89 -9.36 10.66 11.02
C ARG A 89 -9.16 11.18 12.44
N ASN A 90 -9.47 10.32 13.41
CA ASN A 90 -9.35 10.68 14.82
C ASN A 90 -7.87 10.72 15.24
N PRO A 91 -7.39 11.89 15.65
CA PRO A 91 -5.96 11.96 15.95
C PRO A 91 -5.51 11.04 17.08
N GLU A 92 -6.42 10.54 17.89
CA GLU A 92 -6.08 9.54 18.92
C GLU A 92 -5.39 8.35 18.35
N LEU A 93 -5.61 8.07 17.08
CA LEU A 93 -4.94 6.90 16.48
C LEU A 93 -3.42 6.92 16.60
N ASP A 94 -2.86 8.12 16.76
CA ASP A 94 -1.41 8.33 16.84
C ASP A 94 -0.82 7.73 18.11
N LYS A 95 -1.65 7.45 19.12
CA LYS A 95 -1.17 6.88 20.38
C LYS A 95 -0.76 5.42 20.26
N LEU A 96 -1.25 4.75 19.22
CA LEU A 96 -1.02 3.32 19.03
C LEU A 96 0.07 3.11 17.98
N ASP A 97 0.06 1.98 17.25
CA ASP A 97 1.21 1.59 16.42
C ASP A 97 1.21 2.08 14.97
N ARG A 98 0.07 2.54 14.47
CA ARG A 98 -0.13 2.76 13.01
C ARG A 98 0.87 3.75 12.42
N ASN A 99 1.07 4.87 13.09
CA ASN A 99 1.99 5.90 12.56
C ASN A 99 3.45 5.52 12.70
N LYS A 100 3.79 4.77 13.73
CA LYS A 100 5.14 4.25 13.85
C LYS A 100 5.43 3.25 12.73
N LEU A 101 4.47 2.35 12.47
CA LEU A 101 4.62 1.41 11.37
C LEU A 101 4.81 2.18 10.05
N GLY A 102 3.95 3.19 9.82
CA GLY A 102 4.05 4.02 8.62
C GLY A 102 5.42 4.66 8.50
N ASP A 103 5.91 5.25 9.58
CA ASP A 103 7.21 5.94 9.55
C ASP A 103 8.31 4.94 9.18
N MSE A 104 8.25 3.75 9.79
CA MSE A 104 9.24 2.69 9.53
C MSE A 104 9.20 2.25 8.08
O MSE A 104 10.22 2.21 7.39
CB MSE A 104 8.98 1.51 10.50
CG MSE A 104 9.97 0.30 10.38
SE MSE A 104 9.63 -0.84 8.85
CE MSE A 104 7.82 -1.38 9.28
N SER A 105 8.00 1.92 7.60
CA SER A 105 7.84 1.44 6.24
C SER A 105 8.30 2.47 5.20
N LYS A 106 7.91 3.71 5.41
CA LYS A 106 8.34 4.81 4.54
C LYS A 106 9.84 4.98 4.56
N ALA A 107 10.42 4.89 5.74
CA ALA A 107 11.89 5.05 5.89
C ALA A 107 12.66 3.95 5.18
N VAL A 108 12.22 2.71 5.32
CA VAL A 108 12.90 1.59 4.70
C VAL A 108 12.80 1.70 3.19
N THR A 109 11.61 2.12 2.71
CA THR A 109 11.38 2.32 1.28
C THR A 109 12.29 3.44 0.73
N THR A 110 12.31 4.59 1.40
CA THR A 110 13.17 5.70 1.05
C THR A 110 14.65 5.27 1.00
N LEU A 111 15.09 4.59 2.06
CA LEU A 111 16.48 4.18 2.19
C LEU A 111 16.89 3.15 1.17
N GLY A 112 16.03 2.17 0.89
CA GLY A 112 16.33 1.16 -0.09
C GLY A 112 16.42 1.77 -1.48
N LEU A 113 15.49 2.63 -1.81
CA LEU A 113 15.54 3.37 -3.09
C LEU A 113 16.82 4.23 -3.15
N ALA A 114 17.13 4.93 -2.07
CA ALA A 114 18.35 5.74 -2.02
C ALA A 114 19.60 4.89 -2.22
N TYR A 115 19.66 3.71 -1.54
CA TYR A 115 20.78 2.82 -1.79
C TYR A 115 20.84 2.37 -3.29
N TYR A 116 19.69 2.03 -3.86
CA TYR A 116 19.64 1.57 -5.25
C TYR A 116 20.19 2.60 -6.20
N PHE A 117 19.77 3.85 -6.02
CA PHE A 117 20.13 4.91 -6.96
C PHE A 117 21.56 5.41 -6.76
N SER A 118 22.04 5.41 -5.50
CA SER A 118 23.32 6.04 -5.15
C SER A 118 24.46 5.07 -4.95
N GLY A 119 24.15 3.83 -4.59
CA GLY A 119 25.11 2.87 -4.13
C GLY A 119 25.78 3.15 -2.81
N ASP A 120 25.30 4.15 -2.08
CA ASP A 120 25.90 4.50 -0.78
C ASP A 120 25.41 3.53 0.29
N GLU A 121 26.33 2.73 0.81
CA GLU A 121 26.03 1.70 1.77
C GLU A 121 25.40 2.24 3.06
N LYS A 122 25.65 3.51 3.38
CA LYS A 122 25.12 4.05 4.65
C LYS A 122 23.60 3.96 4.72
N TYR A 123 22.95 4.06 3.56
CA TYR A 123 21.51 4.08 3.53
C TYR A 123 20.96 2.70 3.78
N ALA A 124 21.61 1.68 3.21
CA ALA A 124 21.18 0.31 3.46
C ALA A 124 21.40 -0.10 4.92
N GLN A 125 22.51 0.37 5.51
CA GLN A 125 22.82 0.08 6.92
C GLN A 125 21.72 0.65 7.80
N LYS A 126 21.24 1.84 7.47
CA LYS A 126 20.15 2.45 8.29
C LYS A 126 18.85 1.73 8.07
N ALA A 127 18.58 1.31 6.85
CA ALA A 127 17.38 0.56 6.59
C ALA A 127 17.33 -0.74 7.37
N VAL A 128 18.46 -1.44 7.40
CA VAL A 128 18.57 -2.71 8.15
C VAL A 128 18.37 -2.45 9.67
N ASP A 129 18.81 -1.28 10.18
CA ASP A 129 18.59 -0.91 11.59
C ASP A 129 17.09 -0.78 11.85
N PHE A 130 16.36 -0.05 10.98
CA PHE A 130 14.90 0.01 11.11
C PHE A 130 14.28 -1.40 11.09
N LEU A 131 14.69 -2.23 10.15
CA LEU A 131 14.11 -3.57 10.02
C LEU A 131 14.42 -4.47 11.24
N ASN A 132 15.66 -4.40 11.73
CA ASN A 132 16.03 -5.14 12.97
C ASN A 132 15.13 -4.74 14.13
N VAL A 133 15.00 -3.43 14.32
CA VAL A 133 14.24 -2.93 15.45
C VAL A 133 12.76 -3.31 15.31
N TRP A 134 12.23 -3.17 14.12
CA TRP A 134 10.79 -3.42 13.92
C TRP A 134 10.39 -4.89 13.89
N PHE A 135 11.18 -5.71 13.22
CA PHE A 135 10.87 -7.10 12.91
C PHE A 135 11.64 -8.21 13.60
N LEU A 136 12.93 -8.00 13.91
CA LEU A 136 13.85 -9.11 14.22
C LEU A 136 14.38 -9.12 15.64
N ASP A 137 14.56 -7.95 16.26
CA ASP A 137 15.18 -7.87 17.59
C ASP A 137 14.14 -8.37 18.61
N ALA A 138 14.57 -9.28 19.48
CA ALA A 138 13.65 -9.87 20.47
C ALA A 138 13.01 -8.84 21.36
N LYS A 139 13.76 -7.80 21.73
CA LYS A 139 13.27 -6.82 22.69
C LYS A 139 12.16 -5.96 22.13
N THR A 140 12.12 -5.79 20.81
CA THR A 140 11.26 -4.75 20.23
C THR A 140 10.36 -5.23 19.06
N LYS A 141 10.49 -6.48 18.64
CA LYS A 141 9.87 -6.87 17.38
C LYS A 141 8.34 -6.98 17.43
N MSE A 142 7.76 -6.72 16.27
CA MSE A 142 6.32 -6.90 16.06
C MSE A 142 6.03 -8.37 15.74
O MSE A 142 6.65 -8.94 14.86
CB MSE A 142 5.82 -6.02 14.94
CG MSE A 142 4.36 -6.22 14.59
SE MSE A 142 3.76 -5.10 13.14
CE MSE A 142 2.34 -6.23 12.48
N ASN A 143 5.10 -8.99 16.46
CA ASN A 143 4.64 -10.34 16.11
C ASN A 143 3.99 -10.36 14.74
N PRO A 144 4.13 -11.47 13.99
CA PRO A 144 3.64 -11.49 12.62
C PRO A 144 2.14 -11.86 12.51
N HIS A 145 1.30 -10.95 13.00
CA HIS A 145 -0.16 -11.04 12.89
C HIS A 145 -0.77 -9.70 13.21
N LEU A 146 -2.03 -9.53 12.82
CA LEU A 146 -2.78 -8.30 13.06
C LEU A 146 -4.11 -8.63 13.75
N THR A 147 -4.09 -9.51 14.76
CA THR A 147 -5.27 -9.80 15.55
C THR A 147 -5.86 -8.56 16.19
N TYR A 148 -5.00 -7.57 16.51
CA TYR A 148 -5.46 -6.35 17.17
C TYR A 148 -5.34 -5.11 16.27
N GLY A 149 -5.35 -5.35 14.96
CA GLY A 149 -5.41 -4.25 13.98
C GLY A 149 -6.79 -3.61 13.98
N GLN A 150 -6.82 -2.29 14.04
CA GLN A 150 -8.06 -1.51 14.06
C GLN A 150 -9.14 -1.97 15.04
N THR A 151 -8.67 -2.12 16.27
CA THR A 151 -9.56 -2.08 17.46
C THR A 151 -10.35 -0.80 17.47
N ILE A 152 -11.50 -0.83 18.12
CA ILE A 152 -12.35 0.33 18.24
C ILE A 152 -12.83 0.37 19.69
N PRO A 153 -12.58 1.46 20.41
CA PRO A 153 -13.02 1.59 21.79
C PRO A 153 -14.51 1.33 21.96
N GLY A 154 -14.82 0.41 22.86
CA GLY A 154 -16.18 0.02 23.14
C GLY A 154 -16.83 -0.95 22.19
N LYS A 155 -16.12 -1.40 21.14
CA LYS A 155 -16.68 -2.29 20.16
C LYS A 155 -15.81 -3.51 20.01
N ASN A 156 -16.44 -4.54 19.46
CA ASN A 156 -15.77 -5.80 19.08
C ASN A 156 -15.06 -6.51 20.23
N LYS A 157 -15.48 -6.22 21.46
CA LYS A 157 -14.91 -6.82 22.66
C LYS A 157 -13.40 -6.75 22.72
N GLY A 158 -12.85 -5.59 22.35
CA GLY A 158 -11.42 -5.35 22.46
C GLY A 158 -10.54 -6.00 21.39
N MSE A 159 -11.17 -6.70 20.46
CA MSE A 159 -10.50 -7.40 19.39
CA MSE A 159 -10.43 -7.39 19.41
C MSE A 159 -10.24 -6.46 18.22
O MSE A 159 -10.90 -5.47 18.09
CB MSE A 159 -11.41 -8.56 18.97
CB MSE A 159 -11.15 -8.66 18.97
CG MSE A 159 -10.83 -9.56 18.01
CG MSE A 159 -11.61 -9.54 20.12
SE MSE A 159 -9.36 -10.54 18.65
SE MSE A 159 -10.16 -9.99 21.32
CE MSE A 159 -9.90 -11.08 20.42
CE MSE A 159 -9.14 -11.00 20.03
N GLY A 160 -9.24 -6.77 17.39
CA GLY A 160 -9.11 -6.13 16.12
C GLY A 160 -10.12 -6.66 15.14
N ARG A 161 -9.96 -6.29 13.87
CA ARG A 161 -10.91 -6.68 12.86
C ARG A 161 -10.22 -6.78 11.50
N GLY A 162 -10.87 -7.39 10.53
CA GLY A 162 -10.24 -7.57 9.24
C GLY A 162 -9.65 -6.29 8.66
N ALA A 163 -10.39 -5.16 8.80
CA ALA A 163 -9.98 -3.86 8.27
C ALA A 163 -8.56 -3.48 8.65
N GLY A 164 -8.06 -3.96 9.79
CA GLY A 164 -6.66 -3.71 10.18
C GLY A 164 -5.61 -4.16 9.19
N MSE A 165 -5.96 -5.11 8.33
CA MSE A 165 -5.04 -5.58 7.28
CA MSE A 165 -5.03 -5.57 7.31
C MSE A 165 -4.57 -4.44 6.39
O MSE A 165 -3.44 -4.46 5.91
CB MSE A 165 -5.68 -6.69 6.43
CB MSE A 165 -5.63 -6.71 6.50
CG MSE A 165 -5.59 -8.08 7.02
CG MSE A 165 -5.78 -7.96 7.29
SE MSE A 165 -3.78 -8.74 7.14
SE MSE A 165 -4.85 -9.42 6.49
CE MSE A 165 -3.20 -8.37 5.34
CE MSE A 165 -3.14 -8.65 6.40
N ILE A 166 -5.43 -3.45 6.15
CA ILE A 166 -5.05 -2.34 5.27
C ILE A 166 -3.84 -1.59 5.85
N ASP A 167 -3.66 -1.61 7.17
CA ASP A 167 -2.58 -0.85 7.82
C ASP A 167 -1.21 -1.18 7.24
N ILE A 168 -1.01 -2.44 6.80
CA ILE A 168 0.30 -2.88 6.34
C ILE A 168 0.42 -2.95 4.84
N TYR A 169 -0.54 -2.35 4.12
CA TYR A 169 -0.53 -2.43 2.66
C TYR A 169 0.83 -1.94 2.06
N SER A 170 1.44 -0.92 2.67
CA SER A 170 2.73 -0.42 2.21
C SER A 170 3.89 -1.44 2.26
N PHE A 171 3.70 -2.57 2.95
CA PHE A 171 4.70 -3.62 2.93
C PHE A 171 4.88 -4.19 1.52
N THR A 172 3.85 -4.05 0.68
CA THR A 172 3.95 -4.50 -0.72
C THR A 172 5.10 -3.79 -1.43
N GLU A 173 5.19 -2.49 -1.24
CA GLU A 173 6.25 -1.67 -1.79
C GLU A 173 7.57 -1.82 -1.02
N MSE A 174 7.49 -1.86 0.33
CA MSE A 174 8.66 -2.08 1.14
C MSE A 174 9.47 -3.31 0.72
O MSE A 174 10.69 -3.29 0.72
CB MSE A 174 8.26 -2.19 2.61
CG MSE A 174 9.44 -2.09 3.53
SE MSE A 174 9.03 -2.46 5.38
CE MSE A 174 8.80 -4.34 5.17
N ILE A 175 8.76 -4.38 0.35
CA ILE A 175 9.41 -5.61 -0.05
C ILE A 175 10.28 -5.33 -1.30
N ASP A 176 9.76 -4.56 -2.25
CA ASP A 176 10.55 -4.20 -3.43
C ASP A 176 11.80 -3.41 -3.04
N ALA A 177 11.67 -2.52 -2.07
CA ALA A 177 12.84 -1.73 -1.59
C ALA A 177 13.85 -2.67 -0.94
N MSE A 178 13.40 -3.68 -0.20
CA MSE A 178 14.32 -4.70 0.38
C MSE A 178 15.05 -5.49 -0.72
O MSE A 178 16.29 -5.66 -0.68
CB MSE A 178 13.62 -5.64 1.35
CG MSE A 178 13.04 -4.91 2.56
SE MSE A 178 12.53 -6.07 4.00
CE MSE A 178 11.14 -7.01 3.10
N THR A 179 14.30 -5.88 -1.74
CA THR A 179 14.89 -6.57 -2.88
C THR A 179 16.01 -5.75 -3.51
N LEU A 180 15.75 -4.47 -3.68
CA LEU A 180 16.68 -3.50 -4.29
C LEU A 180 17.98 -3.33 -3.47
N MSE A 181 17.91 -3.61 -2.18
CA MSE A 181 19.05 -3.57 -1.23
C MSE A 181 19.78 -4.87 -0.96
O MSE A 181 20.72 -4.86 -0.17
CB MSE A 181 18.52 -3.12 0.15
CG MSE A 181 18.36 -1.74 0.28
SE MSE A 181 17.92 -1.53 2.19
CE MSE A 181 15.97 -1.82 2.21
N GLU A 182 19.35 -5.97 -1.56
CA GLU A 182 19.90 -7.28 -1.22
C GLU A 182 21.41 -7.37 -1.45
N ASN A 183 21.92 -6.65 -2.44
CA ASN A 183 23.38 -6.67 -2.72
CA ASN A 183 23.37 -6.66 -2.71
C ASN A 183 24.16 -5.67 -1.86
N SER A 184 23.48 -4.93 -0.98
CA SER A 184 24.21 -4.14 0.01
C SER A 184 24.96 -5.04 0.99
N LYS A 185 26.00 -4.51 1.64
CA LYS A 185 26.67 -5.28 2.65
C LYS A 185 25.81 -5.50 3.91
N ALA A 186 25.03 -4.50 4.29
CA ALA A 186 24.22 -4.58 5.52
C ALA A 186 23.08 -5.60 5.42
N PHE A 187 22.48 -5.71 4.23
CA PHE A 187 21.32 -6.59 4.07
C PHE A 187 21.89 -7.99 3.75
N THR A 188 22.18 -8.72 4.81
CA THR A 188 22.89 -9.98 4.76
C THR A 188 21.94 -11.14 4.48
N PRO A 189 22.51 -12.31 4.23
CA PRO A 189 21.64 -13.50 4.17
C PRO A 189 20.84 -13.76 5.47
N LYS A 190 21.40 -13.44 6.62
CA LYS A 190 20.69 -13.60 7.89
C LYS A 190 19.52 -12.62 7.97
N VAL A 191 19.70 -11.38 7.54
CA VAL A 191 18.61 -10.39 7.55
C VAL A 191 17.50 -10.83 6.58
N LYS A 192 17.88 -11.28 5.39
CA LYS A 192 16.94 -11.72 4.42
C LYS A 192 16.14 -12.89 4.94
N LYS A 193 16.83 -13.87 5.53
CA LYS A 193 16.16 -15.03 6.07
C LYS A 193 15.15 -14.62 7.15
N GLY A 194 15.54 -13.72 8.04
CA GLY A 194 14.67 -13.26 9.10
C GLY A 194 13.42 -12.57 8.57
N MSE A 195 13.61 -11.73 7.56
CA MSE A 195 12.47 -11.05 6.93
C MSE A 195 11.53 -12.03 6.20
O MSE A 195 10.29 -11.94 6.28
CB MSE A 195 12.98 -9.95 5.99
CG MSE A 195 13.63 -8.78 6.73
SE MSE A 195 12.58 -7.96 8.12
CE MSE A 195 10.94 -7.67 7.13
N LYS A 196 12.10 -12.96 5.45
CA LYS A 196 11.27 -13.96 4.76
CA LYS A 196 11.26 -13.94 4.76
C LYS A 196 10.52 -14.84 5.77
N GLU A 197 11.16 -15.15 6.90
CA GLU A 197 10.50 -15.95 7.96
CA GLU A 197 10.49 -15.95 7.96
C GLU A 197 9.34 -15.18 8.59
N TRP A 198 9.54 -13.88 8.83
CA TRP A 198 8.44 -13.04 9.35
C TRP A 198 7.25 -13.02 8.39
N PHE A 199 7.50 -12.77 7.10
CA PHE A 199 6.43 -12.72 6.12
C PHE A 199 5.82 -14.11 5.93
N THR A 200 6.59 -15.18 6.10
CA THR A 200 6.04 -16.56 5.97
C THR A 200 5.00 -16.77 7.07
N GLN A 201 5.34 -16.34 8.30
CA GLN A 201 4.43 -16.42 9.41
C GLN A 201 3.21 -15.55 9.25
N LEU A 202 3.40 -14.34 8.75
CA LEU A 202 2.25 -13.50 8.43
C LEU A 202 1.29 -14.14 7.44
N VAL A 203 1.82 -14.70 6.36
CA VAL A 203 1.01 -15.39 5.35
C VAL A 203 0.25 -16.58 5.94
N GLU A 204 0.91 -17.36 6.79
CA GLU A 204 0.23 -18.41 7.53
C GLU A 204 -0.93 -17.88 8.36
N TRP A 205 -0.70 -16.77 9.05
CA TRP A 205 -1.77 -16.16 9.82
C TRP A 205 -2.89 -15.68 8.90
N MSE A 206 -2.54 -15.04 7.78
CA MSE A 206 -3.56 -14.51 6.85
C MSE A 206 -4.47 -15.62 6.31
O MSE A 206 -5.66 -15.40 6.09
CB MSE A 206 -2.89 -13.81 5.68
CG MSE A 206 -2.32 -12.46 6.08
SE MSE A 206 -1.25 -11.66 4.66
CE MSE A 206 -2.66 -11.23 3.45
N GLN A 207 -3.89 -16.79 6.09
CA GLN A 207 -4.66 -17.89 5.53
CA GLN A 207 -4.58 -17.96 5.55
C GLN A 207 -5.49 -18.68 6.57
N THR A 208 -5.25 -18.47 7.86
CA THR A 208 -5.94 -19.19 8.94
C THR A 208 -6.78 -18.40 9.93
N SER A 209 -6.40 -17.15 10.21
CA SER A 209 -7.03 -16.40 11.28
C SER A 209 -8.43 -15.96 10.91
N PRO A 210 -9.33 -15.99 11.89
CA PRO A 210 -10.67 -15.47 11.60
C PRO A 210 -10.71 -13.94 11.38
N VAL A 211 -9.76 -13.21 11.95
CA VAL A 211 -9.69 -11.77 11.78
C VAL A 211 -9.28 -11.49 10.35
N ALA A 212 -8.24 -12.18 9.86
CA ALA A 212 -7.82 -12.02 8.47
C ALA A 212 -8.93 -12.45 7.50
N ALA A 213 -9.66 -13.53 7.83
CA ALA A 213 -10.74 -14.02 7.02
C ALA A 213 -11.80 -12.97 6.79
N GLU A 214 -12.05 -12.13 7.81
CA GLU A 214 -12.99 -11.01 7.69
CA GLU A 214 -13.00 -11.04 7.65
C GLU A 214 -12.57 -10.09 6.53
N GLU A 215 -11.26 -9.82 6.43
CA GLU A 215 -10.75 -8.96 5.36
C GLU A 215 -10.86 -9.65 3.99
N GLN A 216 -10.55 -10.95 3.99
CA GLN A 216 -10.60 -11.72 2.75
CA GLN A 216 -10.61 -11.71 2.74
C GLN A 216 -12.01 -11.66 2.14
N ARG A 217 -13.04 -11.70 3.00
CA ARG A 217 -14.45 -11.72 2.60
CA ARG A 217 -14.41 -11.75 2.49
C ARG A 217 -15.01 -10.37 2.26
N ALA A 218 -14.24 -9.31 2.55
CA ALA A 218 -14.72 -7.95 2.34
C ALA A 218 -15.06 -7.70 0.87
N LYS A 219 -16.17 -6.97 0.64
CA LYS A 219 -16.71 -6.76 -0.67
C LYS A 219 -16.17 -5.53 -1.40
N ASN A 220 -15.43 -4.69 -0.68
CA ASN A 220 -14.95 -3.41 -1.20
C ASN A 220 -13.43 -3.39 -1.32
N ASN A 221 -12.86 -2.20 -1.31
CA ASN A 221 -11.41 -2.05 -1.44
C ASN A 221 -10.60 -2.93 -0.47
N HIS A 222 -11.15 -3.22 0.70
CA HIS A 222 -10.41 -4.03 1.66
C HIS A 222 -10.15 -5.40 1.12
N GLY A 223 -11.14 -6.03 0.52
CA GLY A 223 -10.98 -7.37 0.03
C GLY A 223 -10.08 -7.43 -1.20
N LEU A 224 -10.18 -6.44 -2.09
CA LEU A 224 -9.28 -6.36 -3.24
C LEU A 224 -7.82 -6.21 -2.80
N ALA A 225 -7.61 -5.33 -1.81
CA ALA A 225 -6.30 -5.12 -1.26
C ALA A 225 -5.75 -6.36 -0.54
N TYR A 226 -6.61 -7.13 0.10
CA TYR A 226 -6.17 -8.38 0.77
C TYR A 226 -5.48 -9.27 -0.23
N ASP A 227 -6.10 -9.42 -1.40
CA ASP A 227 -5.55 -10.32 -2.42
C ASP A 227 -4.18 -9.82 -2.91
N VAL A 228 -4.05 -8.51 -3.14
CA VAL A 228 -2.76 -7.95 -3.55
C VAL A 228 -1.66 -8.25 -2.53
N GLN A 229 -1.98 -8.03 -1.26
CA GLN A 229 -0.99 -8.23 -0.21
C GLN A 229 -0.66 -9.72 -0.12
N LEU A 230 -1.68 -10.59 -0.15
CA LEU A 230 -1.40 -12.04 -0.07
C LEU A 230 -0.46 -12.46 -1.22
N THR A 231 -0.72 -11.93 -2.41
CA THR A 231 0.05 -12.27 -3.61
C THR A 231 1.49 -11.81 -3.45
N ALA A 232 1.68 -10.55 -3.06
CA ALA A 232 3.02 -10.01 -2.90
C ALA A 232 3.81 -10.77 -1.82
N TYR A 233 3.16 -11.07 -0.68
CA TYR A 233 3.87 -11.71 0.44
C TYR A 233 4.17 -13.17 0.09
N ALA A 234 3.25 -13.79 -0.65
CA ALA A 234 3.49 -15.16 -1.14
C ALA A 234 4.73 -15.19 -2.03
N LEU A 235 4.86 -14.22 -2.94
CA LEU A 235 6.00 -14.20 -3.87
C LEU A 235 7.28 -13.96 -3.09
N TYR A 236 7.25 -13.04 -2.13
CA TYR A 236 8.48 -12.72 -1.37
C TYR A 236 9.01 -13.95 -0.59
N THR A 237 8.10 -14.77 -0.11
CA THR A 237 8.42 -15.96 0.69
C THR A 237 8.59 -17.24 -0.16
N GLY A 238 8.59 -17.11 -1.48
CA GLY A 238 8.85 -18.25 -2.38
C GLY A 238 7.65 -19.11 -2.74
N ASN A 239 6.45 -18.65 -2.42
CA ASN A 239 5.23 -19.43 -2.59
C ASN A 239 4.55 -18.98 -3.88
N GLN A 240 5.17 -19.32 -4.99
CA GLN A 240 4.68 -18.86 -6.31
C GLN A 240 3.32 -19.48 -6.60
N ASP A 241 3.05 -20.67 -6.09
CA ASP A 241 1.77 -21.30 -6.38
C ASP A 241 0.62 -20.57 -5.74
N LEU A 242 0.77 -20.13 -4.49
CA LEU A 242 -0.28 -19.37 -3.82
C LEU A 242 -0.50 -18.03 -4.54
N ALA A 243 0.57 -17.39 -4.97
CA ALA A 243 0.47 -16.14 -5.74
C ALA A 243 -0.28 -16.37 -7.04
N MSE A 244 0.09 -17.43 -7.77
CA MSE A 244 -0.60 -17.77 -9.03
CA MSE A 244 -0.62 -17.78 -9.02
C MSE A 244 -2.10 -18.00 -8.84
O MSE A 244 -2.92 -17.48 -9.62
CB MSE A 244 0.09 -18.99 -9.69
CB MSE A 244 -0.01 -19.02 -9.67
CG MSE A 244 -0.23 -19.21 -11.14
CG MSE A 244 1.22 -18.72 -10.46
SE MSE A 244 0.55 -17.85 -12.28
SE MSE A 244 0.80 -17.82 -12.15
CE MSE A 244 2.43 -18.26 -12.08
CE MSE A 244 2.59 -17.92 -12.90
N LYS A 245 -2.46 -18.76 -7.82
CA LYS A 245 -3.86 -19.05 -7.53
CA LYS A 245 -3.85 -19.05 -7.53
C LYS A 245 -4.64 -17.77 -7.25
N THR A 246 -4.06 -16.89 -6.42
CA THR A 246 -4.72 -15.66 -6.00
C THR A 246 -4.91 -14.75 -7.22
N ILE A 247 -3.90 -14.70 -8.07
CA ILE A 247 -3.97 -13.93 -9.34
C ILE A 247 -5.06 -14.46 -10.26
N GLN A 248 -5.08 -15.77 -10.46
CA GLN A 248 -6.03 -16.36 -11.38
C GLN A 248 -7.46 -16.18 -10.96
N GLU A 249 -7.70 -16.14 -9.65
CA GLU A 249 -9.03 -15.92 -9.10
C GLU A 249 -9.46 -14.46 -9.00
N PHE A 250 -8.49 -13.55 -9.14
CA PHE A 250 -8.71 -12.12 -8.86
C PHE A 250 -9.77 -11.44 -9.76
N PRO A 251 -9.78 -11.74 -11.06
CA PRO A 251 -10.81 -11.04 -11.88
C PRO A 251 -12.23 -11.33 -11.44
N GLU A 252 -12.58 -12.61 -11.27
CA GLU A 252 -13.93 -12.95 -10.87
CA GLU A 252 -13.93 -12.98 -10.86
C GLU A 252 -14.24 -12.57 -9.43
N LYS A 253 -13.28 -12.76 -8.52
CA LYS A 253 -13.51 -12.51 -7.11
C LYS A 253 -13.57 -11.03 -6.76
N ARG A 254 -12.76 -10.22 -7.46
CA ARG A 254 -12.57 -8.81 -7.09
C ARG A 254 -13.02 -7.85 -8.21
N LEU A 255 -12.43 -7.97 -9.41
CA LEU A 255 -12.74 -6.99 -10.44
C LEU A 255 -14.20 -7.02 -10.86
N PHE A 256 -14.71 -8.21 -11.14
CA PHE A 256 -16.06 -8.28 -11.73
C PHE A 256 -17.13 -8.11 -10.64
N ALA A 257 -16.73 -8.30 -9.39
CA ALA A 257 -17.63 -8.10 -8.26
C ALA A 257 -17.78 -6.59 -7.97
N GLN A 258 -16.67 -5.86 -8.02
CA GLN A 258 -16.56 -4.47 -7.52
C GLN A 258 -16.70 -3.37 -8.59
N ILE A 259 -16.60 -3.73 -9.87
CA ILE A 259 -16.75 -2.83 -10.98
C ILE A 259 -18.05 -3.14 -11.73
N GLU A 260 -18.90 -2.12 -11.89
CA GLU A 260 -20.12 -2.29 -12.66
C GLU A 260 -19.83 -2.15 -14.15
N PRO A 261 -20.80 -2.51 -15.01
CA PRO A 261 -20.48 -2.51 -16.42
C PRO A 261 -20.16 -1.11 -17.00
N ASP A 262 -20.57 -0.04 -16.32
CA ASP A 262 -20.20 1.30 -16.72
C ASP A 262 -18.93 1.82 -16.03
N GLY A 263 -18.20 0.96 -15.34
CA GLY A 263 -17.01 1.37 -14.63
C GLY A 263 -17.16 1.88 -13.21
N LYS A 264 -18.37 2.13 -12.78
CA LYS A 264 -18.60 2.59 -11.42
C LYS A 264 -18.19 1.54 -10.40
N GLN A 265 -17.64 1.99 -9.27
CA GLN A 265 -17.36 1.11 -8.16
C GLN A 265 -18.28 1.55 -7.02
N PRO A 266 -19.48 0.99 -6.99
CA PRO A 266 -20.50 1.58 -6.12
C PRO A 266 -20.15 1.63 -4.65
N LEU A 267 -19.40 0.65 -4.14
CA LEU A 267 -19.08 0.65 -2.71
C LEU A 267 -18.07 1.73 -2.34
N GLU A 268 -17.27 2.16 -3.32
CA GLU A 268 -16.36 3.29 -3.15
C GLU A 268 -17.09 4.63 -3.38
N LEU A 269 -18.02 4.68 -4.35
CA LEU A 269 -18.73 5.93 -4.64
C LEU A 269 -19.70 6.34 -3.53
N ALA A 270 -20.05 5.41 -2.66
CA ALA A 270 -20.95 5.72 -1.53
C ALA A 270 -20.21 6.42 -0.39
N ARG A 271 -18.88 6.46 -0.45
CA ARG A 271 -18.10 7.03 0.66
C ARG A 271 -18.07 8.55 0.69
N THR A 272 -17.70 9.12 1.86
CA THR A 272 -17.54 10.58 1.96
C THR A 272 -16.33 11.08 1.18
N THR A 273 -15.37 10.19 0.94
CA THR A 273 -14.28 10.47 0.01
C THR A 273 -14.35 9.55 -1.22
N ALA A 274 -15.45 9.67 -1.97
CA ALA A 274 -15.67 8.80 -3.09
C ALA A 274 -14.63 8.90 -4.20
N LEU A 275 -14.08 10.10 -4.46
CA LEU A 275 -13.03 10.19 -5.46
C LEU A 275 -11.77 9.51 -4.92
N GLY A 276 -11.46 9.77 -3.65
CA GLY A 276 -10.30 9.15 -3.02
C GLY A 276 -10.33 7.62 -3.02
N TYR A 277 -11.46 7.04 -2.66
CA TYR A 277 -11.57 5.60 -2.63
C TYR A 277 -11.61 4.96 -4.04
N THR A 278 -12.24 5.65 -4.99
CA THR A 278 -12.22 5.19 -6.40
C THR A 278 -10.75 5.07 -6.83
N ILE A 279 -9.96 6.07 -6.52
CA ILE A 279 -8.52 6.08 -6.88
C ILE A 279 -7.70 5.06 -6.07
N PHE A 280 -7.96 4.97 -4.78
CA PHE A 280 -7.31 3.99 -3.88
C PHE A 280 -7.47 2.58 -4.46
N ASN A 281 -8.69 2.23 -4.84
CA ASN A 281 -8.96 0.88 -5.35
C ASN A 281 -8.34 0.70 -6.73
N LEU A 282 -8.46 1.69 -7.60
CA LEU A 282 -7.82 1.62 -8.92
C LEU A 282 -6.30 1.46 -8.80
N GLY A 283 -5.68 2.18 -7.88
CA GLY A 283 -4.22 2.04 -7.68
C GLY A 283 -3.83 0.62 -7.23
N HIS A 284 -4.64 0.02 -6.39
CA HIS A 284 -4.42 -1.34 -5.93
C HIS A 284 -4.67 -2.36 -7.05
N MSE A 285 -5.64 -2.06 -7.92
CA MSE A 285 -5.85 -2.87 -9.12
C MSE A 285 -4.57 -2.86 -9.97
O MSE A 285 -4.15 -3.89 -10.45
CB MSE A 285 -7.02 -2.37 -9.96
CG MSE A 285 -8.36 -2.52 -9.25
SE MSE A 285 -9.76 -1.64 -10.22
CE MSE A 285 -11.23 -1.85 -8.95
N LEU A 286 -4.02 -1.68 -10.18
CA LEU A 286 -2.79 -1.52 -10.95
C LEU A 286 -1.58 -2.15 -10.31
N ASP A 287 -1.52 -2.13 -8.97
CA ASP A 287 -0.49 -2.88 -8.26
C ASP A 287 -0.61 -4.38 -8.57
N MSE A 288 -1.83 -4.94 -8.58
CA MSE A 288 -2.03 -6.33 -8.94
C MSE A 288 -1.63 -6.56 -10.39
O MSE A 288 -1.02 -7.59 -10.70
CB MSE A 288 -3.48 -6.74 -8.72
CG MSE A 288 -3.74 -8.24 -8.89
SE MSE A 288 -2.55 -9.36 -7.82
CE MSE A 288 -3.89 -10.39 -7.00
N CYS A 289 -1.98 -5.64 -11.28
CA CYS A 289 -1.60 -5.80 -12.70
C CYS A 289 -0.08 -5.88 -12.81
N SER A 290 0.63 -5.02 -12.05
CA SER A 290 2.10 -4.99 -12.08
C SER A 290 2.67 -6.31 -11.57
N ILE A 291 2.21 -6.77 -10.39
CA ILE A 291 2.67 -8.06 -9.87
C ILE A 291 2.40 -9.20 -10.84
N ALA A 292 1.17 -9.23 -11.35
CA ALA A 292 0.73 -10.28 -12.29
C ALA A 292 1.57 -10.31 -13.56
N SER A 293 1.95 -9.15 -14.05
CA SER A 293 2.71 -9.07 -15.32
C SER A 293 4.05 -9.78 -15.17
N THR A 294 4.60 -9.75 -13.97
CA THR A 294 5.91 -10.39 -13.75
C THR A 294 5.82 -11.92 -13.85
N LEU A 295 4.61 -12.47 -13.70
CA LEU A 295 4.35 -13.88 -13.84
C LEU A 295 3.64 -14.16 -15.18
N GLY A 296 3.56 -13.19 -16.08
CA GLY A 296 2.92 -13.38 -17.37
C GLY A 296 1.41 -13.53 -17.35
N GLN A 297 0.78 -13.05 -16.28
CA GLN A 297 -0.65 -13.09 -16.11
C GLN A 297 -1.28 -11.73 -16.43
N ASP A 298 -2.21 -11.72 -17.39
CA ASP A 298 -2.77 -10.45 -17.87
C ASP A 298 -4.04 -10.14 -17.08
N ILE A 299 -3.87 -9.53 -15.92
CA ILE A 299 -5.00 -9.06 -15.12
C ILE A 299 -5.59 -7.77 -15.75
N TYR A 300 -4.73 -6.91 -16.30
CA TYR A 300 -5.20 -5.61 -16.79
C TYR A 300 -6.36 -5.75 -17.78
N ASN A 301 -6.23 -6.66 -18.74
CA ASN A 301 -7.20 -6.81 -19.81
C ASN A 301 -8.36 -7.75 -19.47
N ALA A 302 -8.41 -8.26 -18.24
CA ALA A 302 -9.47 -9.19 -17.83
C ALA A 302 -10.80 -8.49 -17.90
N THR A 303 -11.73 -9.07 -18.66
CA THR A 303 -13.00 -8.40 -18.97
C THR A 303 -14.12 -9.39 -18.82
N SER A 304 -15.18 -9.02 -18.12
CA SER A 304 -16.32 -9.92 -17.94
C SER A 304 -17.19 -9.91 -19.20
N GLN A 305 -18.09 -10.89 -19.27
CA GLN A 305 -19.02 -11.01 -20.41
C GLN A 305 -19.82 -9.73 -20.58
N ASP A 306 -20.14 -9.05 -19.46
CA ASP A 306 -20.90 -7.79 -19.53
C ASP A 306 -20.05 -6.49 -19.49
N GLY A 307 -18.75 -6.61 -19.71
CA GLY A 307 -17.89 -5.46 -19.94
C GLY A 307 -17.25 -4.86 -18.70
N ARG A 308 -17.28 -5.55 -17.56
CA ARG A 308 -16.59 -5.05 -16.35
C ARG A 308 -15.09 -5.27 -16.54
N SER A 309 -14.32 -4.22 -16.26
CA SER A 309 -12.87 -4.30 -16.43
C SER A 309 -12.20 -3.11 -15.78
N ILE A 310 -10.89 -3.19 -15.61
CA ILE A 310 -10.11 -2.02 -15.19
C ILE A 310 -10.23 -0.86 -16.17
N THR A 311 -10.30 -1.16 -17.47
CA THR A 311 -10.50 -0.11 -18.45
C THR A 311 -11.84 0.61 -18.20
N ALA A 312 -12.89 -0.13 -17.90
CA ALA A 312 -14.18 0.50 -17.64
C ALA A 312 -14.09 1.41 -16.42
N ALA A 313 -13.39 0.93 -15.41
CA ALA A 313 -13.25 1.71 -14.19
C ALA A 313 -12.48 3.02 -14.44
N LEU A 314 -11.43 2.96 -15.28
CA LEU A 314 -10.68 4.14 -15.67
C LEU A 314 -11.51 5.10 -16.49
N LYS A 315 -12.30 4.58 -17.43
CA LYS A 315 -13.12 5.42 -18.28
CA LYS A 315 -13.13 5.41 -18.29
C LYS A 315 -14.22 6.16 -17.49
N PHE A 316 -14.70 5.58 -16.39
CA PHE A 316 -15.64 6.30 -15.49
C PHE A 316 -14.91 7.52 -14.90
N LEU A 317 -13.65 7.32 -14.49
CA LEU A 317 -12.92 8.37 -13.78
C LEU A 317 -12.47 9.53 -14.64
N ILE A 318 -12.01 9.21 -15.85
CA ILE A 318 -11.31 10.19 -16.69
C ILE A 318 -12.04 11.52 -16.89
N PRO A 319 -13.35 11.50 -17.20
CA PRO A 319 -14.01 12.80 -17.47
C PRO A 319 -13.97 13.80 -16.33
N TYR A 320 -13.76 13.29 -15.11
CA TYR A 320 -13.72 14.16 -13.97
C TYR A 320 -12.36 14.77 -13.71
N ILE A 321 -11.35 14.27 -14.41
CA ILE A 321 -10.01 14.79 -14.21
C ILE A 321 -9.91 16.12 -14.91
N GLY A 322 -9.56 17.15 -14.14
CA GLY A 322 -9.52 18.51 -14.68
C GLY A 322 -10.83 19.27 -14.68
N LYS A 323 -11.90 18.65 -14.19
CA LYS A 323 -13.23 19.27 -14.08
C LYS A 323 -13.45 19.67 -12.64
N PRO A 324 -14.17 20.78 -12.40
CA PRO A 324 -14.33 21.21 -11.02
C PRO A 324 -15.17 20.25 -10.17
N GLN A 325 -15.02 20.37 -8.86
CA GLN A 325 -15.76 19.49 -7.94
C GLN A 325 -17.27 19.60 -8.10
N SER A 326 -17.75 20.77 -8.51
CA SER A 326 -19.18 20.94 -8.77
C SER A 326 -19.76 19.90 -9.68
N GLU A 327 -18.92 19.32 -10.54
CA GLU A 327 -19.42 18.41 -11.58
C GLU A 327 -19.35 16.95 -11.14
N TRP A 328 -18.65 16.68 -10.04
CA TRP A 328 -18.53 15.35 -9.46
C TRP A 328 -19.74 15.05 -8.58
N PRO A 329 -20.61 14.12 -9.02
CA PRO A 329 -21.89 13.92 -8.36
C PRO A 329 -21.87 12.92 -7.17
N TYR A 330 -20.75 12.88 -6.47
CA TYR A 330 -20.56 12.04 -5.30
C TYR A 330 -19.86 12.95 -4.27
N GLN A 331 -19.64 12.43 -3.07
CA GLN A 331 -18.97 13.20 -2.06
C GLN A 331 -17.44 13.17 -2.25
N GLN A 332 -16.76 14.23 -1.80
CA GLN A 332 -15.33 14.24 -1.63
C GLN A 332 -15.04 15.37 -0.65
N ILE A 333 -15.07 15.01 0.62
CA ILE A 333 -15.12 16.01 1.68
C ILE A 333 -13.81 16.76 1.97
N LYS A 334 -12.71 16.24 1.43
CA LYS A 334 -11.39 16.82 1.61
C LYS A 334 -10.51 16.43 0.43
N GLU A 335 -9.29 16.98 0.40
CA GLU A 335 -8.25 16.50 -0.52
C GLU A 335 -8.62 16.49 -2.02
N TRP A 336 -9.51 17.39 -2.46
CA TRP A 336 -9.87 17.45 -3.88
C TRP A 336 -8.65 17.59 -4.78
N ASP A 337 -7.85 18.65 -4.58
CA ASP A 337 -6.70 18.86 -5.46
C ASP A 337 -5.69 17.73 -5.38
N LYS A 338 -5.42 17.24 -4.18
CA LYS A 338 -4.52 16.09 -4.00
C LYS A 338 -4.97 14.88 -4.82
N LYS A 339 -6.27 14.54 -4.75
CA LYS A 339 -6.82 13.39 -5.52
C LYS A 339 -6.90 13.62 -7.01
N GLN A 340 -7.18 14.87 -7.46
CA GLN A 340 -7.01 15.20 -8.87
C GLN A 340 -5.58 14.88 -9.36
N GLU A 341 -4.56 15.30 -8.60
CA GLU A 341 -3.18 14.99 -8.95
C GLU A 341 -2.93 13.49 -8.98
N GLU A 342 -3.38 12.78 -7.97
CA GLU A 342 -3.25 11.31 -7.93
C GLU A 342 -3.88 10.63 -9.13
N ALA A 343 -5.05 11.11 -9.55
CA ALA A 343 -5.72 10.59 -10.74
C ALA A 343 -4.82 10.66 -11.98
N CYS A 344 -4.08 11.78 -12.13
CA CYS A 344 -3.18 11.95 -13.25
C CYS A 344 -2.06 10.89 -13.26
N TRP A 345 -1.64 10.45 -12.05
CA TRP A 345 -0.65 9.39 -11.94
C TRP A 345 -1.26 7.99 -12.08
N ILE A 346 -2.53 7.81 -11.72
CA ILE A 346 -3.23 6.61 -12.15
C ILE A 346 -3.13 6.46 -13.68
N LEU A 347 -3.32 7.57 -14.41
CA LEU A 347 -3.28 7.53 -15.86
C LEU A 347 -1.90 7.19 -16.42
N ARG A 348 -0.85 7.75 -15.82
CA ARG A 348 0.54 7.32 -16.15
C ARG A 348 0.72 5.81 -15.99
N ARG A 349 0.26 5.29 -14.87
CA ARG A 349 0.44 3.88 -14.58
CA ARG A 349 0.43 3.86 -14.56
C ARG A 349 -0.34 3.00 -15.54
N ALA A 350 -1.58 3.40 -15.83
CA ALA A 350 -2.43 2.64 -16.78
C ALA A 350 -1.82 2.61 -18.19
N SER A 351 -1.15 3.71 -18.54
CA SER A 351 -0.54 3.85 -19.87
C SER A 351 0.54 2.80 -20.10
N PHE A 352 1.10 2.21 -19.05
CA PHE A 352 2.09 1.14 -19.19
C PHE A 352 1.43 -0.12 -19.78
N PHE A 353 0.15 -0.32 -19.47
CA PHE A 353 -0.59 -1.52 -19.88
C PHE A 353 -1.38 -1.30 -21.17
N ASP A 354 -1.77 -0.06 -21.44
CA ASP A 354 -2.56 0.25 -22.64
C ASP A 354 -2.03 1.53 -23.26
N PRO A 355 -0.82 1.49 -23.83
CA PRO A 355 -0.24 2.72 -24.37
C PRO A 355 -1.04 3.38 -25.48
N LYS A 356 -1.79 2.62 -26.26
CA LYS A 356 -2.54 3.22 -27.35
C LYS A 356 -3.78 4.01 -26.91
N ALA A 357 -4.20 3.90 -25.64
CA ALA A 357 -5.42 4.58 -25.15
C ALA A 357 -5.25 6.09 -25.00
N GLY A 358 -4.03 6.57 -24.98
CA GLY A 358 -3.78 7.99 -24.83
C GLY A 358 -3.91 8.53 -23.41
N TYR A 359 -3.74 7.64 -22.42
CA TYR A 359 -3.95 8.04 -21.05
C TYR A 359 -2.90 9.03 -20.52
N GLU A 360 -1.64 8.86 -20.94
CA GLU A 360 -0.58 9.74 -20.45
C GLU A 360 -0.79 11.16 -20.94
N ALA A 361 -1.25 11.33 -22.19
CA ALA A 361 -1.56 12.66 -22.74
C ALA A 361 -2.61 13.39 -21.91
N ILE A 362 -3.63 12.65 -21.47
CA ILE A 362 -4.66 13.21 -20.59
C ILE A 362 -4.03 13.58 -19.26
N GLY A 363 -3.27 12.67 -18.63
CA GLY A 363 -2.64 12.95 -17.34
C GLY A 363 -1.75 14.18 -17.41
N ALA A 364 -0.99 14.29 -18.51
CA ALA A 364 -0.01 15.36 -18.69
C ALA A 364 -0.67 16.72 -18.86
N GLN A 365 -1.89 16.74 -19.41
CA GLN A 365 -2.68 17.95 -19.58
C GLN A 365 -3.03 18.60 -18.25
N PHE A 366 -3.30 17.80 -17.22
CA PHE A 366 -3.77 18.33 -15.94
C PHE A 366 -2.81 18.23 -14.78
N ARG A 367 -1.75 17.44 -14.91
CA ARG A 367 -0.80 17.21 -13.83
C ARG A 367 0.09 18.45 -13.60
N GLU A 368 0.32 18.85 -12.35
CA GLU A 368 1.24 19.94 -12.00
CA GLU A 368 1.24 19.95 -12.01
C GLU A 368 2.39 19.47 -11.11
N THR A 369 2.67 18.18 -11.13
CA THR A 369 3.66 17.56 -10.26
C THR A 369 5.08 18.12 -10.49
N PRO A 370 5.68 18.75 -9.46
CA PRO A 370 7.07 19.25 -9.63
C PRO A 370 8.06 18.16 -10.02
N ALA A 371 9.07 18.57 -10.78
CA ALA A 371 9.99 17.63 -11.41
C ALA A 371 10.81 16.81 -10.41
N ASN A 372 10.94 17.32 -9.18
CA ASN A 372 11.73 16.63 -8.16
C ASN A 372 10.92 15.57 -7.32
N LYS A 373 9.63 15.40 -7.58
CA LYS A 373 8.84 14.43 -6.82
C LYS A 373 9.25 13.03 -7.20
N ARG A 374 9.33 12.18 -6.18
CA ARG A 374 9.78 10.80 -6.32
C ARG A 374 9.01 10.00 -7.35
N ILE A 375 7.74 10.30 -7.55
CA ILE A 375 6.91 9.50 -8.43
C ILE A 375 7.44 9.52 -9.88
N HIS A 376 8.17 10.57 -10.25
CA HIS A 376 8.78 10.61 -11.58
C HIS A 376 9.82 9.50 -11.80
N LEU A 377 10.43 9.04 -10.72
CA LEU A 377 11.40 7.98 -10.78
C LEU A 377 10.74 6.58 -10.82
N ILE A 378 9.63 6.44 -10.10
CA ILE A 378 9.00 5.14 -9.86
CA ILE A 378 9.01 5.14 -9.86
C ILE A 378 8.07 4.76 -11.00
N TYR A 379 7.38 5.73 -11.55
CA TYR A 379 6.48 5.52 -12.70
C TYR A 379 6.91 6.37 -13.90
N SER A 380 8.14 6.11 -14.36
CA SER A 380 8.74 6.84 -15.45
C SER A 380 8.17 6.33 -16.79
N LEU A 381 8.57 7.04 -17.82
CA LEU A 381 8.28 6.71 -19.20
C LEU A 381 9.42 5.96 -19.89
N GLU A 382 10.35 5.40 -19.13
CA GLU A 382 11.40 4.57 -19.75
C GLU A 382 10.86 3.32 -20.47
NA NA B . 23.82 -8.33 0.95
C1 CIT C . -14.78 -0.21 5.09
O1 CIT C . -14.14 -0.10 4.09
O2 CIT C . -15.21 -1.34 5.36
C2 CIT C . -15.00 1.03 5.95
C3 CIT C . -13.71 1.45 6.66
O7 CIT C . -13.02 0.28 7.16
C4 CIT C . -14.06 2.52 7.73
C5 CIT C . -14.76 1.88 8.88
O3 CIT C . -15.91 1.43 8.81
O4 CIT C . -14.16 1.71 9.95
C6 CIT C . -12.64 2.06 5.75
O5 CIT C . -12.86 3.15 5.22
O6 CIT C . -11.51 1.51 5.54
C1 GOL D . -9.40 7.49 0.20
O1 GOL D . -10.20 8.63 0.42
C2 GOL D . -8.42 7.33 1.33
O2 GOL D . -7.51 8.39 1.23
C3 GOL D . -7.67 6.05 1.11
O3 GOL D . -7.20 5.61 2.36
C1 GOL E . 4.55 -2.43 -15.77
O1 GOL E . 4.64 -3.53 -14.88
C2 GOL E . 5.03 -2.80 -17.16
O2 GOL E . 5.87 -1.77 -17.70
C3 GOL E . 3.82 -3.11 -18.03
O3 GOL E . 3.62 -4.50 -17.93
#